data_2FIM
#
_entry.id   2FIM
#
_cell.length_a   55.960
_cell.length_b   85.150
_cell.length_c   58.790
_cell.angle_alpha   90.00
_cell.angle_beta   92.93
_cell.angle_gamma   90.00
#
_symmetry.space_group_name_H-M   'P 1 21 1'
#
loop_
_entity.id
_entity.type
_entity.pdbx_description
1 polymer 'Tubby related protein 1'
2 non-polymer 3-(N,N-DIMETHYLOCTYLAMMONIO)PROPANESULFONATE
3 non-polymer 'SULFATE ION'
4 water water
#
_entity_poly.entity_id   1
_entity_poly.type   'polypeptide(L)'
_entity_poly.pdbx_seq_one_letter_code
;MHHHHHHSSGVDLGTENLYFQSMEPREFVLRPAPQGRTVRCRLTRDKKGMDRGMYPSYFLHLDTEKKVFLLAGRKRKRSK
TANYLISIDPTNLSRGGENFIGKLRSNLLGNRFTVFDNGQNPQRGYSTNVASLRQELAAVIYETNVLGFRGPRRMTVIIP
GMSAENERVPIRPRNASDGLLVRWQNKTLESLIELHNKPPVWNDDSGSYTLNFQGRVTQASVKNFQIVHADDPDYIVLQF
GRVAEDAFTLDYRYPLCALQAFAIALSSFDGKLACE
;
_entity_poly.pdbx_strand_id   A,B
#
# COMPACT_ATOMS: atom_id res chain seq x y z
N PRO A 25 -27.05 -9.86 4.33
CA PRO A 25 -26.59 -8.96 5.39
C PRO A 25 -25.43 -9.57 6.23
N ARG A 26 -25.64 -10.78 6.73
CA ARG A 26 -24.65 -11.66 7.36
C ARG A 26 -23.39 -11.84 6.49
N GLU A 27 -23.59 -12.05 5.17
CA GLU A 27 -22.50 -11.90 4.17
C GLU A 27 -21.95 -10.47 4.08
N PHE A 28 -22.82 -9.48 3.83
CA PHE A 28 -22.34 -8.09 3.66
C PHE A 28 -21.35 -7.56 4.73
N VAL A 29 -21.71 -7.77 5.98
CA VAL A 29 -20.94 -7.17 7.07
C VAL A 29 -19.57 -7.80 7.32
N LEU A 30 -19.36 -8.99 6.77
CA LEU A 30 -18.06 -9.67 6.79
C LEU A 30 -17.29 -9.53 5.51
N ARG A 31 -17.84 -8.90 4.49
CA ARG A 31 -17.11 -8.82 3.22
C ARG A 31 -16.25 -7.54 3.17
N PRO A 32 -14.96 -7.71 2.79
CA PRO A 32 -14.11 -6.54 2.56
C PRO A 32 -14.79 -5.63 1.54
N ALA A 33 -14.64 -4.34 1.72
CA ALA A 33 -15.24 -3.35 0.82
C ALA A 33 -14.63 -3.53 -0.55
N PRO A 34 -15.43 -3.33 -1.65
CA PRO A 34 -14.93 -3.40 -3.00
C PRO A 34 -13.70 -2.48 -3.23
N GLN A 35 -12.69 -2.94 -3.94
CA GLN A 35 -11.52 -2.10 -4.11
C GLN A 35 -11.94 -0.83 -4.87
N GLY A 36 -11.42 0.32 -4.45
CA GLY A 36 -11.71 1.58 -5.11
C GLY A 36 -12.91 2.34 -4.53
N ARG A 37 -13.70 1.67 -3.71
CA ARG A 37 -14.87 2.33 -3.12
C ARG A 37 -14.70 2.74 -1.66
N THR A 38 -15.58 3.62 -1.20
CA THR A 38 -15.68 3.94 0.23
C THR A 38 -17.12 3.64 0.66
N VAL A 39 -17.24 2.83 1.69
CA VAL A 39 -18.54 2.47 2.21
C VAL A 39 -18.92 3.46 3.31
N ARG A 40 -19.97 4.24 3.10
CA ARG A 40 -20.26 5.36 3.99
C ARG A 40 -21.47 4.98 4.86
N CYS A 41 -21.28 5.07 6.17
CA CYS A 41 -22.28 4.64 7.18
C CYS A 41 -22.50 5.75 8.22
N ARG A 42 -23.58 5.60 8.96
CA ARG A 42 -23.91 6.43 10.08
C ARG A 42 -24.00 5.52 11.32
N LEU A 43 -23.24 5.92 12.36
CA LEU A 43 -23.21 5.27 13.67
C LEU A 43 -24.03 6.13 14.68
N THR A 44 -25.00 5.53 15.31
CA THR A 44 -25.77 6.23 16.33
C THR A 44 -25.74 5.51 17.69
N ARG A 45 -25.87 6.32 18.72
CA ARG A 45 -25.81 5.87 20.12
C ARG A 45 -27.16 6.20 20.78
N ASP A 46 -27.81 5.18 21.38
CA ASP A 46 -28.98 5.46 22.24
C ASP A 46 -28.48 5.56 23.72
N LYS A 47 -28.46 6.79 24.26
CA LYS A 47 -27.83 7.08 25.57
C LYS A 47 -28.89 7.23 26.64
N TYR A 55 -25.84 1.23 30.36
CA TYR A 55 -24.99 0.82 29.22
C TYR A 55 -25.71 1.04 27.88
N PRO A 56 -25.14 1.95 27.04
CA PRO A 56 -25.88 2.33 25.88
C PRO A 56 -25.72 1.34 24.71
N SER A 57 -26.65 1.47 23.77
CA SER A 57 -26.76 0.65 22.60
C SER A 57 -26.22 1.49 21.47
N TYR A 58 -25.56 0.82 20.51
CA TYR A 58 -24.96 1.44 19.33
C TYR A 58 -25.49 0.79 18.08
N PHE A 59 -25.63 1.57 17.01
CA PHE A 59 -26.27 1.11 15.80
C PHE A 59 -25.51 1.62 14.59
N LEU A 60 -25.37 0.77 13.58
CA LEU A 60 -24.71 1.18 12.35
C LEU A 60 -25.68 1.00 11.19
N HIS A 61 -25.85 2.08 10.43
CA HIS A 61 -26.66 2.06 9.20
C HIS A 61 -25.85 2.56 8.04
N LEU A 62 -26.19 2.08 6.86
CA LEU A 62 -25.63 2.66 5.65
C LEU A 62 -26.12 4.10 5.57
N ASP A 63 -25.27 5.02 5.09
CA ASP A 63 -25.62 6.45 5.14
C ASP A 63 -26.30 6.93 3.85
N THR A 64 -27.49 6.44 3.68
CA THR A 64 -28.20 6.67 2.49
C THR A 64 -29.54 7.31 2.93
N GLU A 65 -30.33 7.65 1.93
CA GLU A 65 -31.48 8.52 2.10
C GLU A 65 -32.52 7.81 2.98
N LYS A 66 -32.77 6.54 2.68
CA LYS A 66 -33.48 5.64 3.59
C LYS A 66 -32.48 5.00 4.50
N LYS A 67 -32.62 5.05 5.81
CA LYS A 67 -31.66 4.28 6.60
C LYS A 67 -31.80 2.76 6.25
N VAL A 68 -30.66 2.09 6.18
CA VAL A 68 -30.56 0.66 6.01
C VAL A 68 -29.67 0.04 7.12
N PHE A 69 -30.23 -0.87 7.91
CA PHE A 69 -29.55 -1.36 9.11
C PHE A 69 -28.45 -2.37 8.82
N LEU A 70 -27.30 -2.19 9.48
CA LEU A 70 -26.18 -3.12 9.37
C LEU A 70 -25.88 -3.89 10.67
N LEU A 71 -25.54 -3.16 11.73
CA LEU A 71 -25.06 -3.78 12.98
C LEU A 71 -25.54 -3.08 14.20
N ALA A 72 -25.68 -3.86 15.28
CA ALA A 72 -26.05 -3.34 16.62
C ALA A 72 -25.01 -3.85 17.62
N GLY A 73 -24.72 -3.06 18.66
CA GLY A 73 -23.76 -3.44 19.70
C GLY A 73 -24.12 -2.86 21.07
N ARG A 74 -23.76 -3.61 22.11
CA ARG A 74 -24.05 -3.18 23.47
C ARG A 74 -23.06 -3.90 24.41
N LYS A 75 -22.63 -3.17 25.43
CA LYS A 75 -21.77 -3.67 26.47
C LYS A 75 -22.57 -4.58 27.36
N ARG A 76 -22.01 -5.75 27.67
CA ARG A 76 -22.67 -6.65 28.61
C ARG A 76 -22.53 -6.11 30.03
N LYS A 77 -23.58 -6.24 30.83
CA LYS A 77 -23.58 -5.67 32.17
C LYS A 77 -22.67 -6.39 33.14
N ARG A 78 -22.50 -7.70 32.96
CA ARG A 78 -21.94 -8.49 34.07
C ARG A 78 -20.60 -9.13 33.68
N SER A 79 -19.79 -8.38 32.96
CA SER A 79 -18.46 -8.85 32.55
C SER A 79 -17.34 -8.31 33.49
N LYS A 80 -16.23 -9.03 33.61
CA LYS A 80 -15.12 -8.55 34.42
C LYS A 80 -14.42 -7.37 33.75
N THR A 81 -14.27 -7.45 32.43
CA THR A 81 -13.76 -6.32 31.68
C THR A 81 -14.75 -6.00 30.56
N ALA A 82 -14.54 -4.87 29.90
CA ALA A 82 -15.44 -4.43 28.87
C ALA A 82 -15.63 -5.52 27.79
N ASN A 83 -16.89 -5.77 27.45
CA ASN A 83 -17.23 -6.80 26.51
C ASN A 83 -18.48 -6.34 25.81
N TYR A 84 -18.39 -6.10 24.52
CA TYR A 84 -19.55 -5.74 23.71
C TYR A 84 -19.96 -6.92 22.84
N LEU A 85 -21.26 -7.22 22.84
CA LEU A 85 -21.84 -8.17 21.92
C LEU A 85 -22.31 -7.39 20.70
N ILE A 86 -22.13 -7.99 19.51
CA ILE A 86 -22.43 -7.33 18.22
C ILE A 86 -23.38 -8.27 17.46
N SER A 87 -24.51 -7.75 16.97
CA SER A 87 -25.44 -8.57 16.16
C SER A 87 -25.94 -7.86 14.91
N ILE A 88 -26.49 -8.70 14.02
CA ILE A 88 -27.22 -8.22 12.86
C ILE A 88 -28.73 -8.10 13.09
N ASP A 89 -29.12 -7.97 14.35
CA ASP A 89 -30.50 -7.74 14.73
C ASP A 89 -30.56 -6.79 15.95
N PRO A 90 -31.14 -5.58 15.77
CA PRO A 90 -31.03 -4.62 16.87
C PRO A 90 -31.92 -4.93 18.00
N THR A 91 -32.88 -5.84 17.78
CA THR A 91 -33.79 -6.33 18.83
C THR A 91 -33.22 -7.48 19.70
N ASN A 92 -32.09 -8.05 19.29
CA ASN A 92 -31.56 -9.24 19.93
C ASN A 92 -30.01 -9.22 19.85
N ASN A 99 -28.54 -14.53 14.92
CA ASN A 99 -28.04 -13.20 14.46
C ASN A 99 -26.86 -12.57 15.26
N PHE A 100 -26.38 -13.29 16.30
CA PHE A 100 -25.07 -12.96 16.96
C PHE A 100 -23.87 -13.06 15.99
N ILE A 101 -23.11 -11.97 15.85
CA ILE A 101 -22.12 -11.90 14.77
C ILE A 101 -20.67 -11.65 15.21
N GLY A 102 -20.46 -11.07 16.37
CA GLY A 102 -19.13 -10.91 16.86
C GLY A 102 -19.08 -10.31 18.24
N LYS A 103 -17.84 -10.09 18.73
CA LYS A 103 -17.66 -9.49 20.03
C LYS A 103 -16.38 -8.66 20.07
N LEU A 104 -16.39 -7.77 21.03
CA LEU A 104 -15.31 -6.86 21.29
C LEU A 104 -14.99 -6.98 22.76
N ARG A 105 -13.75 -7.35 23.01
CA ARG A 105 -13.29 -7.73 24.36
C ARG A 105 -12.08 -6.89 24.69
N SER A 106 -12.15 -6.21 25.81
CA SER A 106 -11.01 -5.52 26.35
C SER A 106 -10.10 -6.43 27.22
N ASN A 107 -8.85 -5.96 27.34
CA ASN A 107 -7.89 -6.48 28.34
C ASN A 107 -8.16 -5.89 29.72
N LEU A 108 -7.40 -6.39 30.69
CA LEU A 108 -7.42 -5.95 32.09
C LEU A 108 -7.28 -4.43 32.28
N LEU A 109 -6.31 -3.83 31.59
CA LEU A 109 -6.05 -2.40 31.76
C LEU A 109 -7.13 -1.52 31.11
N GLY A 110 -7.80 -2.05 30.12
CA GLY A 110 -8.81 -1.30 29.34
C GLY A 110 -8.22 -0.53 28.15
N ASN A 111 -6.99 -0.82 27.75
CA ASN A 111 -6.37 -0.07 26.68
C ASN A 111 -6.08 -0.87 25.44
N ARG A 112 -6.45 -2.15 25.46
CA ARG A 112 -6.29 -3.04 24.33
C ARG A 112 -7.54 -3.88 24.16
N PHE A 113 -7.96 -4.01 22.90
CA PHE A 113 -9.18 -4.68 22.49
C PHE A 113 -8.96 -5.69 21.39
N THR A 114 -9.73 -6.77 21.40
CA THR A 114 -9.73 -7.80 20.32
C THR A 114 -11.14 -7.88 19.84
N VAL A 115 -11.28 -7.98 18.53
CA VAL A 115 -12.56 -8.26 17.84
C VAL A 115 -12.56 -9.71 17.33
N PHE A 116 -13.55 -10.45 17.77
CA PHE A 116 -13.84 -11.81 17.31
C PHE A 116 -15.09 -11.88 16.49
N ASP A 117 -15.12 -12.83 15.56
CA ASP A 117 -16.36 -13.27 14.96
C ASP A 117 -17.21 -14.11 15.98
N ASN A 118 -18.18 -14.89 15.48
CA ASN A 118 -19.12 -15.62 16.35
C ASN A 118 -18.76 -17.05 16.73
N GLY A 119 -17.53 -17.49 16.45
CA GLY A 119 -17.14 -18.84 16.76
C GLY A 119 -16.92 -19.10 18.25
N GLN A 120 -16.60 -20.35 18.54
CA GLN A 120 -16.35 -20.79 19.89
C GLN A 120 -14.98 -20.42 20.46
N ASN A 121 -15.00 -20.09 21.75
CA ASN A 121 -13.74 -19.88 22.50
C ASN A 121 -13.05 -21.26 22.77
N PRO A 122 -11.81 -21.44 22.28
CA PRO A 122 -11.13 -22.75 22.42
C PRO A 122 -10.83 -23.14 23.89
N GLN A 123 -10.80 -22.16 24.79
CA GLN A 123 -10.47 -22.39 26.20
C GLN A 123 -11.59 -23.13 26.93
N ARG A 124 -12.79 -23.06 26.38
CA ARG A 124 -14.00 -23.64 26.94
C ARG A 124 -14.24 -25.11 26.51
N GLY A 125 -13.61 -25.52 25.44
CA GLY A 125 -13.80 -26.83 24.88
C GLY A 125 -12.77 -27.10 23.82
N TYR A 126 -11.72 -27.81 24.21
CA TYR A 126 -10.64 -28.18 23.31
C TYR A 126 -10.88 -29.31 22.28
N SER A 127 -11.94 -30.09 22.43
CA SER A 127 -12.26 -31.12 21.42
C SER A 127 -13.19 -30.46 20.37
N THR A 128 -13.31 -29.13 20.40
CA THR A 128 -14.30 -28.42 19.57
C THR A 128 -13.74 -28.34 18.16
N ASN A 129 -14.57 -28.64 17.14
CA ASN A 129 -14.08 -28.57 15.72
C ASN A 129 -13.43 -27.24 15.33
N VAL A 130 -12.30 -27.36 14.64
CA VAL A 130 -11.46 -26.20 14.34
C VAL A 130 -12.22 -25.14 13.52
N ALA A 131 -13.06 -25.61 12.60
CA ALA A 131 -13.86 -24.71 11.76
C ALA A 131 -14.85 -23.90 12.60
N SER A 132 -15.24 -24.41 13.77
CA SER A 132 -16.14 -23.64 14.69
C SER A 132 -15.50 -22.64 15.68
N LEU A 133 -14.20 -22.65 15.78
CA LEU A 133 -13.48 -21.82 16.75
C LEU A 133 -13.48 -20.38 16.29
N ARG A 134 -13.48 -19.47 17.23
CA ARG A 134 -13.50 -18.08 16.82
C ARG A 134 -12.23 -17.61 16.07
N GLN A 135 -12.46 -16.66 15.18
CA GLN A 135 -11.38 -15.97 14.52
C GLN A 135 -11.14 -14.58 15.05
N GLU A 136 -9.87 -14.15 14.99
CA GLU A 136 -9.56 -12.77 15.45
C GLU A 136 -9.60 -11.85 14.21
N LEU A 137 -10.49 -10.87 14.25
CA LEU A 137 -10.70 -9.97 13.10
C LEU A 137 -9.93 -8.63 13.19
N ALA A 138 -9.63 -8.22 14.40
CA ALA A 138 -8.94 -6.97 14.61
C ALA A 138 -8.52 -6.82 16.07
N ALA A 139 -7.48 -5.99 16.25
CA ALA A 139 -7.08 -5.57 17.59
C ALA A 139 -6.77 -4.07 17.58
N VAL A 140 -6.99 -3.44 18.73
CA VAL A 140 -6.74 -2.02 18.88
C VAL A 140 -6.02 -1.76 20.17
N ILE A 141 -4.96 -0.97 20.07
CA ILE A 141 -4.16 -0.53 21.16
C ILE A 141 -4.20 1.00 21.29
N TYR A 142 -4.65 1.49 22.45
CA TYR A 142 -4.66 2.91 22.75
C TYR A 142 -3.49 3.25 23.67
N GLU A 143 -2.78 4.34 23.37
CA GLU A 143 -1.80 4.91 24.27
C GLU A 143 -2.46 6.07 25.01
N ARG A 153 -5.95 10.22 21.61
CA ARG A 153 -4.96 9.26 21.97
C ARG A 153 -4.33 8.70 20.74
N ARG A 154 -3.13 8.18 20.87
CA ARG A 154 -2.53 7.47 19.77
C ARG A 154 -3.17 6.05 19.69
N MET A 155 -3.60 5.68 18.50
CA MET A 155 -4.19 4.34 18.24
C MET A 155 -3.36 3.55 17.24
N THR A 156 -3.25 2.26 17.53
CA THR A 156 -2.65 1.22 16.65
C THR A 156 -3.74 0.20 16.35
N VAL A 157 -3.98 -0.12 15.07
CA VAL A 157 -4.94 -1.09 14.65
C VAL A 157 -4.20 -2.19 13.89
N ILE A 158 -4.45 -3.43 14.31
CA ILE A 158 -3.88 -4.61 13.72
C ILE A 158 -5.01 -5.48 13.18
N ILE A 159 -4.85 -5.90 11.94
CA ILE A 159 -5.82 -6.76 11.26
C ILE A 159 -5.12 -7.94 10.56
N PRO A 160 -5.88 -9.02 10.24
CA PRO A 160 -5.30 -10.01 9.37
C PRO A 160 -5.01 -9.46 7.98
N GLY A 161 -3.93 -9.98 7.43
CA GLY A 161 -3.57 -9.78 6.05
C GLY A 161 -4.52 -10.48 5.10
N MET A 162 -4.34 -10.20 3.81
CA MET A 162 -5.29 -10.56 2.79
C MET A 162 -4.61 -11.53 1.82
N SER A 163 -5.36 -12.42 1.21
CA SER A 163 -4.79 -13.39 0.27
C SER A 163 -4.69 -12.75 -1.09
N ALA A 164 -4.18 -13.52 -2.07
CA ALA A 164 -4.14 -13.12 -3.49
C ALA A 164 -5.52 -12.92 -4.14
N GLU A 165 -6.55 -13.50 -3.54
CA GLU A 165 -7.95 -13.31 -3.95
C GLU A 165 -8.67 -12.22 -3.14
N ASN A 166 -7.96 -11.42 -2.34
CA ASN A 166 -8.60 -10.27 -1.68
C ASN A 166 -9.56 -10.67 -0.55
N GLU A 167 -9.22 -11.76 0.13
CA GLU A 167 -9.99 -12.27 1.26
C GLU A 167 -9.03 -12.33 2.42
N ARG A 168 -9.56 -12.27 3.64
CA ARG A 168 -8.73 -12.40 4.83
C ARG A 168 -8.12 -13.76 4.93
N VAL A 169 -6.88 -13.79 5.40
CA VAL A 169 -6.21 -15.04 5.78
C VAL A 169 -6.57 -15.23 7.24
N PRO A 170 -7.44 -16.20 7.53
CA PRO A 170 -7.96 -16.18 8.89
C PRO A 170 -6.93 -16.46 9.99
N ILE A 171 -7.11 -15.79 11.13
CA ILE A 171 -6.37 -16.09 12.35
C ILE A 171 -7.28 -16.70 13.37
N ARG A 172 -7.03 -17.99 13.62
CA ARG A 172 -7.89 -18.78 14.43
C ARG A 172 -7.12 -19.54 15.53
N PRO A 173 -6.78 -18.87 16.62
CA PRO A 173 -5.96 -19.56 17.62
C PRO A 173 -6.60 -20.81 18.28
N ARG A 174 -5.75 -21.74 18.70
CA ARG A 174 -6.21 -22.92 19.45
C ARG A 174 -6.04 -22.68 20.93
N ASN A 175 -5.32 -21.62 21.28
CA ASN A 175 -5.05 -21.27 22.66
C ASN A 175 -4.57 -19.83 22.67
N ALA A 176 -4.27 -19.30 23.85
CA ALA A 176 -3.89 -17.90 23.93
C ALA A 176 -2.38 -17.66 23.78
N SER A 177 -1.65 -18.67 23.33
CA SER A 177 -0.27 -18.44 22.89
C SER A 177 -0.21 -17.78 21.49
N ASP A 178 -1.36 -17.62 20.83
CA ASP A 178 -1.39 -16.97 19.52
C ASP A 178 -2.55 -16.01 19.43
N GLY A 179 -2.51 -15.13 18.43
CA GLY A 179 -3.47 -14.05 18.35
C GLY A 179 -2.83 -12.81 17.76
N LEU A 180 -3.63 -11.84 17.36
CA LEU A 180 -3.17 -10.56 16.79
C LEU A 180 -2.24 -9.82 17.69
N LEU A 181 -2.66 -9.63 18.94
CA LEU A 181 -1.90 -8.88 19.96
C LEU A 181 -0.62 -9.60 20.34
N VAL A 182 -0.68 -10.94 20.41
CA VAL A 182 0.56 -11.74 20.70
C VAL A 182 1.60 -11.52 19.57
N ARG A 183 1.16 -11.69 18.33
CA ARG A 183 2.03 -11.50 17.16
C ARG A 183 2.57 -10.06 17.04
N TRP A 184 1.70 -9.12 17.29
CA TRP A 184 2.14 -7.74 17.21
C TRP A 184 3.19 -7.43 18.27
N GLN A 185 3.00 -7.97 19.47
CA GLN A 185 3.94 -7.78 20.58
C GLN A 185 5.29 -8.58 20.40
N ASN A 186 5.23 -9.74 19.73
CA ASN A 186 6.41 -10.47 19.29
C ASN A 186 7.07 -9.90 18.04
N LYS A 187 6.43 -8.92 17.41
CA LYS A 187 6.96 -8.26 16.19
C LYS A 187 7.03 -9.21 14.99
N THR A 188 6.11 -10.17 14.93
CA THR A 188 5.97 -11.03 13.77
C THR A 188 4.71 -10.59 12.99
N LEU A 189 4.89 -9.62 12.12
CA LEU A 189 3.79 -8.99 11.42
C LEU A 189 3.68 -9.40 9.94
N GLU A 190 4.42 -10.40 9.50
CA GLU A 190 4.28 -10.83 8.12
C GLU A 190 2.85 -11.14 7.67
N SER A 191 2.07 -11.78 8.54
CA SER A 191 0.66 -12.18 8.24
C SER A 191 -0.40 -11.09 8.47
N LEU A 192 0.02 -9.94 8.97
CA LEU A 192 -0.87 -8.95 9.50
C LEU A 192 -0.78 -7.65 8.71
N ILE A 193 -1.68 -6.70 9.02
CA ILE A 193 -1.60 -5.32 8.56
C ILE A 193 -1.69 -4.41 9.79
N GLU A 194 -0.73 -3.49 9.83
CA GLU A 194 -0.56 -2.50 10.91
C GLU A 194 -1.01 -1.10 10.45
N LEU A 195 -1.92 -0.47 11.20
CA LEU A 195 -2.52 0.84 10.90
C LEU A 195 -2.46 1.75 12.11
N HIS A 196 -2.51 3.08 11.90
CA HIS A 196 -2.41 4.05 13.02
C HIS A 196 -3.35 5.22 12.72
N ASN A 197 -3.75 5.97 13.73
CA ASN A 197 -4.49 7.22 13.52
C ASN A 197 -3.56 8.26 12.86
N LYS A 198 -4.06 9.04 11.92
CA LYS A 198 -3.24 10.05 11.21
C LYS A 198 -3.17 11.31 12.10
N PRO A 199 -1.93 11.84 12.39
CA PRO A 199 -1.85 13.07 13.10
C PRO A 199 -2.48 14.24 12.36
N PRO A 200 -3.20 15.08 13.08
CA PRO A 200 -3.66 16.31 12.45
C PRO A 200 -2.54 17.26 12.12
N VAL A 201 -2.83 18.17 11.20
CA VAL A 201 -1.90 19.20 10.73
C VAL A 201 -2.52 20.60 10.78
N TRP A 202 -1.67 21.61 10.88
CA TRP A 202 -2.12 23.00 10.86
C TRP A 202 -2.95 23.35 9.62
N ASN A 203 -4.10 23.96 9.84
CA ASN A 203 -4.86 24.56 8.77
C ASN A 203 -4.94 26.02 9.10
N ASP A 204 -4.44 26.85 8.19
CA ASP A 204 -4.50 28.32 8.28
C ASP A 204 -5.89 28.90 8.26
N ASP A 205 -6.75 28.34 7.43
CA ASP A 205 -8.15 28.78 7.36
C ASP A 205 -8.89 28.57 8.68
N SER A 206 -8.85 27.34 9.19
CA SER A 206 -9.59 27.00 10.40
C SER A 206 -8.94 27.57 11.69
N GLY A 207 -7.62 27.83 11.64
CA GLY A 207 -6.85 28.23 12.82
C GLY A 207 -6.78 27.11 13.85
N SER A 208 -6.42 25.91 13.41
CA SER A 208 -6.44 24.73 14.28
C SER A 208 -5.70 23.57 13.65
N TYR A 209 -5.48 22.51 14.43
CA TYR A 209 -4.88 21.25 13.95
C TYR A 209 -6.03 20.36 13.66
N THR A 210 -6.15 19.97 12.40
CA THR A 210 -7.29 19.21 11.97
C THR A 210 -6.90 18.41 10.75
N LEU A 211 -7.86 17.62 10.25
CA LEU A 211 -7.74 16.86 9.01
C LEU A 211 -8.90 17.21 8.12
N ASN A 212 -8.79 16.90 6.82
CA ASN A 212 -9.89 17.13 5.89
C ASN A 212 -10.77 15.90 5.94
N PHE A 213 -11.89 16.01 6.62
CA PHE A 213 -12.86 14.93 6.69
C PHE A 213 -13.88 14.99 5.52
N GLN A 214 -13.72 15.90 4.52
CA GLN A 214 -14.61 15.94 3.35
C GLN A 214 -16.12 16.12 3.70
N GLY A 215 -16.46 16.97 4.66
CA GLY A 215 -17.86 17.19 5.00
C GLY A 215 -18.51 16.19 5.95
N ARG A 216 -17.78 15.15 6.33
CA ARG A 216 -18.34 14.03 7.05
C ARG A 216 -18.33 14.25 8.57
N VAL A 217 -17.72 15.35 9.00
CA VAL A 217 -17.66 15.79 10.40
C VAL A 217 -18.30 17.14 10.42
N THR A 218 -19.18 17.37 11.38
CA THR A 218 -19.66 18.69 11.59
C THR A 218 -19.21 19.24 12.96
N GLN A 219 -18.89 18.36 13.91
CA GLN A 219 -18.52 18.77 15.28
C GLN A 219 -17.05 18.42 15.60
N ALA A 220 -16.33 19.37 16.20
CA ALA A 220 -14.94 19.16 16.59
C ALA A 220 -14.96 18.17 17.75
N SER A 221 -14.07 17.17 17.75
CA SER A 221 -14.09 16.20 18.85
C SER A 221 -12.76 15.48 19.00
N VAL A 222 -12.42 15.13 20.25
CA VAL A 222 -11.22 14.29 20.50
C VAL A 222 -11.36 12.90 19.87
N LYS A 223 -12.58 12.42 19.78
CA LYS A 223 -12.93 11.16 19.13
C LYS A 223 -12.86 11.09 17.59
N ASN A 224 -12.70 12.22 16.90
CA ASN A 224 -12.61 12.26 15.44
C ASN A 224 -11.27 11.65 14.97
N PHE A 225 -11.32 10.71 14.05
CA PHE A 225 -10.07 10.10 13.58
C PHE A 225 -10.07 9.60 12.16
N GLN A 226 -8.87 9.48 11.59
CA GLN A 226 -8.59 8.79 10.31
C GLN A 226 -7.49 7.78 10.59
N ILE A 227 -7.72 6.55 10.17
CA ILE A 227 -6.82 5.41 10.25
C ILE A 227 -6.19 5.15 8.89
N VAL A 228 -4.87 5.13 8.88
CA VAL A 228 -4.07 4.98 7.71
C VAL A 228 -2.93 4.00 7.97
N HIS A 229 -2.43 3.47 6.88
CA HIS A 229 -1.12 2.83 6.81
C HIS A 229 0.02 3.88 6.70
N ALA A 230 1.11 3.55 7.35
CA ALA A 230 2.39 4.27 7.27
C ALA A 230 2.88 4.66 5.85
N ASP A 231 2.64 3.79 4.88
CA ASP A 231 3.19 3.90 3.54
C ASP A 231 2.36 4.87 2.72
N ASP A 232 1.11 5.11 3.11
CA ASP A 232 0.28 6.07 2.35
C ASP A 232 -0.73 6.85 3.24
N PRO A 233 -0.37 8.04 3.71
CA PRO A 233 -1.23 8.92 4.53
C PRO A 233 -2.53 9.40 3.86
N ASP A 234 -2.68 9.18 2.55
CA ASP A 234 -3.89 9.65 1.86
C ASP A 234 -4.97 8.59 1.58
N TYR A 235 -4.66 7.31 1.84
CA TYR A 235 -5.61 6.24 1.67
C TYR A 235 -6.23 6.03 3.04
N ILE A 236 -7.46 6.52 3.19
CA ILE A 236 -8.12 6.51 4.50
C ILE A 236 -8.92 5.20 4.68
N VAL A 237 -8.36 4.32 5.46
CA VAL A 237 -8.94 2.99 5.60
C VAL A 237 -10.20 3.07 6.43
N LEU A 238 -10.20 3.94 7.47
CA LEU A 238 -11.35 4.13 8.31
C LEU A 238 -11.39 5.58 8.80
N GLN A 239 -12.54 6.21 8.68
CA GLN A 239 -12.81 7.52 9.22
C GLN A 239 -14.01 7.51 10.10
N PHE A 240 -13.84 8.14 11.26
CA PHE A 240 -14.89 8.30 12.25
C PHE A 240 -14.96 9.74 12.63
N GLY A 241 -16.17 10.26 12.62
CA GLY A 241 -16.40 11.65 12.87
C GLY A 241 -17.75 12.01 13.49
N ARG A 242 -17.72 13.00 14.36
CA ARG A 242 -18.94 13.45 14.98
C ARG A 242 -19.73 14.42 14.13
N VAL A 243 -21.02 14.14 14.04
CA VAL A 243 -21.96 15.10 13.42
C VAL A 243 -23.11 15.64 14.27
N ALA A 244 -23.37 15.04 15.42
CA ALA A 244 -24.30 15.54 16.42
C ALA A 244 -24.03 14.84 17.76
N GLU A 245 -24.76 15.24 18.81
CA GLU A 245 -24.58 14.69 20.17
C GLU A 245 -24.47 13.15 20.17
N ASP A 246 -25.40 12.48 19.52
CA ASP A 246 -25.39 11.01 19.50
C ASP A 246 -25.36 10.39 18.08
N ALA A 247 -24.64 11.03 17.15
CA ALA A 247 -24.54 10.59 15.75
C ALA A 247 -23.16 10.92 15.24
N PHE A 248 -22.61 9.98 14.48
CA PHE A 248 -21.28 9.99 13.97
C PHE A 248 -21.31 9.43 12.54
N THR A 249 -20.32 9.81 11.73
CA THR A 249 -20.10 9.08 10.47
C THR A 249 -18.99 8.07 10.67
N LEU A 250 -19.08 6.97 9.90
CA LEU A 250 -18.10 5.89 9.90
C LEU A 250 -17.98 5.38 8.46
N ASP A 251 -16.83 5.63 7.85
CA ASP A 251 -16.62 5.35 6.42
C ASP A 251 -15.39 4.50 6.31
N TYR A 252 -15.52 3.36 5.64
CA TYR A 252 -14.43 2.42 5.53
C TYR A 252 -14.10 1.99 4.09
N ARG A 253 -12.85 1.59 3.91
CA ARG A 253 -12.39 1.12 2.62
C ARG A 253 -11.73 -0.27 2.78
N TYR A 254 -11.47 -0.89 1.64
CA TYR A 254 -10.70 -2.12 1.58
C TYR A 254 -9.40 -1.87 2.33
N PRO A 255 -8.98 -2.84 3.15
CA PRO A 255 -9.47 -4.23 3.34
C PRO A 255 -10.55 -4.46 4.38
N LEU A 256 -11.02 -3.41 5.02
CA LEU A 256 -11.98 -3.60 6.08
C LEU A 256 -13.36 -4.03 5.59
N CYS A 257 -14.04 -4.75 6.49
CA CYS A 257 -15.41 -4.99 6.41
C CYS A 257 -16.13 -4.23 7.51
N ALA A 258 -17.44 -4.21 7.42
CA ALA A 258 -18.26 -3.37 8.38
C ALA A 258 -18.16 -3.79 9.82
N LEU A 259 -18.04 -5.10 10.05
CA LEU A 259 -17.91 -5.58 11.42
C LEU A 259 -16.56 -5.11 12.01
N GLN A 260 -15.45 -5.23 11.27
CA GLN A 260 -14.17 -4.66 11.76
C GLN A 260 -14.29 -3.14 11.99
N ALA A 261 -14.84 -2.41 11.01
CA ALA A 261 -15.04 -0.99 11.15
C ALA A 261 -15.84 -0.60 12.39
N PHE A 262 -16.98 -1.25 12.60
CA PHE A 262 -17.90 -0.87 13.73
C PHE A 262 -17.26 -1.15 15.07
N ALA A 263 -16.66 -2.34 15.21
CA ALA A 263 -15.93 -2.74 16.43
C ALA A 263 -14.72 -1.85 16.74
N ILE A 264 -13.98 -1.45 15.70
CA ILE A 264 -12.93 -0.49 15.91
C ILE A 264 -13.49 0.84 16.52
N ALA A 265 -14.52 1.33 15.93
CA ALA A 265 -15.18 2.53 16.46
C ALA A 265 -15.73 2.36 17.84
N LEU A 266 -16.42 1.26 18.13
CA LEU A 266 -16.95 1.03 19.48
C LEU A 266 -15.81 1.05 20.52
N SER A 267 -14.66 0.50 20.18
CA SER A 267 -13.54 0.44 21.13
C SER A 267 -13.15 1.84 21.61
N SER A 268 -13.40 2.88 20.80
CA SER A 268 -12.98 4.28 21.17
C SER A 268 -13.88 4.97 22.22
N PHE A 269 -15.07 4.45 22.42
CA PHE A 269 -15.96 4.94 23.49
C PHE A 269 -15.56 4.34 24.84
N ASP A 270 -16.02 4.92 25.92
CA ASP A 270 -16.29 4.06 27.13
C ASP A 270 -17.47 4.52 27.92
N PRO B 25 22.74 -10.74 -25.23
CA PRO B 25 21.40 -10.32 -24.77
C PRO B 25 21.32 -10.14 -23.22
N ARG B 26 21.64 -11.20 -22.49
CA ARG B 26 21.72 -11.21 -21.03
C ARG B 26 22.75 -10.18 -20.56
N GLU B 27 23.93 -10.21 -21.17
CA GLU B 27 24.94 -9.21 -20.91
C GLU B 27 24.45 -7.79 -21.30
N PHE B 28 23.79 -7.64 -22.47
CA PHE B 28 23.41 -6.27 -22.92
C PHE B 28 22.42 -5.61 -21.96
N VAL B 29 21.42 -6.38 -21.54
CA VAL B 29 20.38 -5.78 -20.71
C VAL B 29 20.78 -5.41 -19.28
N LEU B 30 21.92 -5.89 -18.82
CA LEU B 30 22.50 -5.56 -17.53
C LEU B 30 23.61 -4.50 -17.61
N ARG B 31 24.05 -4.14 -18.82
CA ARG B 31 25.14 -3.18 -18.97
C ARG B 31 24.63 -1.73 -18.94
N PRO B 32 25.24 -0.91 -18.10
CA PRO B 32 24.98 0.53 -18.16
C PRO B 32 25.15 1.03 -19.57
N ALA B 33 24.24 1.88 -20.01
CA ALA B 33 24.35 2.56 -21.31
C ALA B 33 25.74 3.21 -21.51
N PRO B 34 26.27 3.17 -22.76
CA PRO B 34 27.53 3.82 -23.01
C PRO B 34 27.46 5.34 -22.75
N GLN B 35 28.52 5.91 -22.25
CA GLN B 35 28.44 7.30 -21.84
C GLN B 35 28.32 8.13 -23.11
N GLY B 36 27.50 9.18 -23.06
CA GLY B 36 27.24 10.04 -24.22
C GLY B 36 26.09 9.64 -25.14
N ARG B 37 25.56 8.44 -24.98
CA ARG B 37 24.50 7.91 -25.85
C ARG B 37 23.15 7.87 -25.12
N THR B 38 22.06 7.86 -25.89
CA THR B 38 20.71 7.59 -25.41
C THR B 38 20.23 6.27 -26.07
N VAL B 39 19.86 5.29 -25.27
CA VAL B 39 19.35 3.97 -25.75
C VAL B 39 17.86 4.07 -25.86
N ARG B 40 17.37 4.12 -27.09
CA ARG B 40 15.97 4.43 -27.36
C ARG B 40 15.21 3.14 -27.70
N CYS B 41 14.07 2.98 -27.06
CA CYS B 41 13.35 1.72 -26.96
C CYS B 41 11.90 1.96 -27.13
N ARG B 42 11.22 0.92 -27.63
CA ARG B 42 9.75 0.86 -27.66
C ARG B 42 9.21 -0.21 -26.66
N LEU B 43 8.31 0.22 -25.78
CA LEU B 43 7.66 -0.65 -24.79
C LEU B 43 6.20 -0.87 -25.21
N THR B 44 5.82 -2.10 -25.37
CA THR B 44 4.47 -2.50 -25.85
C THR B 44 3.76 -3.26 -24.71
N ARG B 45 2.47 -2.92 -24.50
CA ARG B 45 1.61 -3.61 -23.62
C ARG B 45 0.61 -4.45 -24.45
N ASP B 46 0.43 -5.68 -24.02
CA ASP B 46 -0.55 -6.58 -24.59
C ASP B 46 -1.60 -6.87 -23.52
N LYS B 47 -2.76 -6.21 -23.66
CA LYS B 47 -3.87 -6.38 -22.75
C LYS B 47 -4.92 -7.41 -23.23
N LYS B 48 -4.70 -8.11 -24.37
CA LYS B 48 -5.73 -9.07 -24.86
C LYS B 48 -6.00 -10.12 -23.77
N GLY B 49 -7.21 -10.65 -23.75
CA GLY B 49 -7.61 -11.51 -22.64
C GLY B 49 -7.63 -10.71 -21.34
N TYR B 55 -3.64 -11.05 -16.58
CA TYR B 55 -2.80 -9.85 -16.47
C TYR B 55 -2.05 -9.56 -17.75
N PRO B 56 -1.83 -8.26 -18.04
CA PRO B 56 -1.24 -7.82 -19.28
C PRO B 56 0.29 -8.11 -19.34
N SER B 57 0.76 -8.29 -20.57
CA SER B 57 2.16 -8.65 -20.87
C SER B 57 2.78 -7.37 -21.34
N TYR B 58 4.06 -7.17 -21.05
CA TYR B 58 4.81 -6.02 -21.54
C TYR B 58 6.13 -6.48 -22.14
N PHE B 59 6.52 -5.78 -23.22
CA PHE B 59 7.66 -6.13 -24.01
C PHE B 59 8.47 -4.86 -24.25
N LEU B 60 9.79 -5.00 -24.22
CA LEU B 60 10.74 -3.97 -24.61
C LEU B 60 11.58 -4.37 -25.82
N HIS B 61 11.59 -3.49 -26.84
CA HIS B 61 12.41 -3.69 -28.00
C HIS B 61 13.24 -2.39 -28.25
N LEU B 62 14.39 -2.52 -28.89
CA LEU B 62 15.08 -1.38 -29.37
C LEU B 62 14.22 -0.72 -30.45
N ASP B 63 14.18 0.61 -30.44
CA ASP B 63 13.36 1.44 -31.37
C ASP B 63 14.04 1.78 -32.71
N THR B 64 14.85 0.88 -33.19
CA THR B 64 15.34 0.94 -34.57
C THR B 64 14.29 0.42 -35.60
N GLU B 65 14.78 -0.11 -36.71
CA GLU B 65 13.94 -0.69 -37.73
C GLU B 65 14.26 -2.21 -37.92
N LYS B 66 15.22 -2.74 -37.16
CA LYS B 66 15.31 -4.22 -36.89
C LYS B 66 14.66 -4.61 -35.55
N LYS B 67 14.44 -3.63 -34.69
CA LYS B 67 13.71 -3.77 -33.47
C LYS B 67 14.06 -4.99 -32.61
N VAL B 68 15.32 -5.12 -32.25
CA VAL B 68 15.69 -6.28 -31.46
C VAL B 68 14.91 -6.35 -30.14
N PHE B 69 14.43 -7.54 -29.87
CA PHE B 69 13.83 -7.88 -28.59
C PHE B 69 14.85 -7.75 -27.43
N LEU B 70 14.46 -7.03 -26.39
CA LEU B 70 15.22 -6.97 -25.15
C LEU B 70 14.66 -7.76 -23.95
N LEU B 71 13.45 -7.43 -23.52
CA LEU B 71 12.90 -7.86 -22.19
C LEU B 71 11.37 -8.05 -22.29
N ALA B 72 10.87 -9.05 -21.54
CA ALA B 72 9.43 -9.30 -21.35
C ALA B 72 9.13 -9.20 -19.85
N GLY B 73 7.96 -8.67 -19.51
CA GLY B 73 7.50 -8.69 -18.14
C GLY B 73 6.00 -8.96 -18.01
N ARG B 74 5.64 -9.61 -16.90
CA ARG B 74 4.25 -9.88 -16.58
C ARG B 74 4.12 -10.20 -15.08
N LYS B 75 3.01 -9.72 -14.48
CA LYS B 75 2.59 -10.00 -13.11
C LYS B 75 2.27 -11.46 -12.91
N ARG B 76 2.75 -12.03 -11.80
CA ARG B 76 2.44 -13.43 -11.38
C ARG B 76 1.02 -13.48 -10.83
N LYS B 77 0.31 -14.57 -11.10
CA LYS B 77 -1.12 -14.61 -10.84
C LYS B 77 -1.50 -14.76 -9.36
N ARG B 78 -0.78 -15.61 -8.63
CA ARG B 78 -1.26 -16.05 -7.30
C ARG B 78 -0.61 -15.22 -6.20
N SER B 79 -0.12 -14.05 -6.57
CA SER B 79 0.76 -13.23 -5.71
C SER B 79 -0.02 -12.21 -4.86
N LYS B 80 0.39 -12.02 -3.59
CA LYS B 80 -0.33 -11.17 -2.63
C LYS B 80 -0.17 -9.68 -3.00
N THR B 81 1.03 -9.27 -3.40
CA THR B 81 1.30 -7.93 -3.94
C THR B 81 1.88 -8.06 -5.35
N ALA B 82 2.03 -6.94 -6.06
CA ALA B 82 2.51 -6.97 -7.41
C ALA B 82 3.91 -7.52 -7.43
N ASN B 83 4.02 -8.53 -8.26
CA ASN B 83 5.27 -9.17 -8.57
C ASN B 83 5.34 -9.40 -10.03
N TYR B 84 6.16 -8.61 -10.71
CA TYR B 84 6.45 -8.86 -12.09
C TYR B 84 7.73 -9.70 -12.23
N LEU B 85 7.61 -10.72 -13.05
CA LEU B 85 8.75 -11.50 -13.51
C LEU B 85 9.25 -10.98 -14.85
N ILE B 86 10.55 -10.70 -14.90
CA ILE B 86 11.21 -10.10 -16.06
C ILE B 86 12.17 -11.14 -16.69
N SER B 87 12.05 -11.33 -18.00
CA SER B 87 12.88 -12.31 -18.68
C SER B 87 13.37 -11.86 -20.06
N ILE B 88 14.33 -12.63 -20.56
CA ILE B 88 14.89 -12.44 -21.89
C ILE B 88 14.34 -13.45 -22.84
N ASP B 89 13.31 -14.20 -22.42
CA ASP B 89 12.49 -15.03 -23.37
C ASP B 89 11.01 -14.55 -23.42
N PRO B 90 10.51 -14.12 -24.56
CA PRO B 90 9.12 -13.67 -24.60
C PRO B 90 8.11 -14.79 -24.27
N PHE B 100 14.89 -15.87 -17.21
CA PHE B 100 14.52 -15.17 -15.96
C PHE B 100 15.65 -14.27 -15.42
N ILE B 101 15.50 -12.95 -15.57
CA ILE B 101 16.62 -12.02 -15.33
C ILE B 101 16.44 -11.01 -14.19
N GLY B 102 15.21 -10.81 -13.79
CA GLY B 102 14.86 -10.02 -12.66
C GLY B 102 13.39 -10.03 -12.24
N LYS B 103 13.10 -9.20 -11.25
CA LYS B 103 11.81 -9.13 -10.57
C LYS B 103 11.52 -7.67 -10.16
N LEU B 104 10.24 -7.27 -10.24
CA LEU B 104 9.85 -6.00 -9.63
C LEU B 104 8.82 -6.33 -8.59
N ARG B 105 9.06 -5.93 -7.33
CA ARG B 105 8.15 -6.26 -6.24
C ARG B 105 7.57 -4.96 -5.69
N SER B 106 6.26 -4.93 -5.45
CA SER B 106 5.58 -3.80 -4.84
C SER B 106 5.24 -4.03 -3.34
N ASN B 107 5.07 -2.98 -2.57
CA ASN B 107 4.43 -3.11 -1.24
C ASN B 107 2.91 -3.26 -1.43
N LEU B 108 2.17 -3.42 -0.32
CA LEU B 108 0.72 -3.57 -0.41
C LEU B 108 0.02 -2.30 -0.89
N LEU B 109 0.59 -1.17 -0.53
CA LEU B 109 0.02 0.09 -0.91
C LEU B 109 0.24 0.44 -2.38
N GLY B 110 1.18 -0.26 -3.06
CA GLY B 110 1.43 -0.09 -4.50
C GLY B 110 2.15 1.22 -4.79
N ASN B 111 2.95 1.69 -3.83
CA ASN B 111 3.73 2.90 -3.98
C ASN B 111 5.21 2.86 -3.62
N ARG B 112 5.77 1.66 -3.31
CA ARG B 112 7.20 1.45 -2.96
C ARG B 112 7.61 0.16 -3.66
N PHE B 113 8.56 0.28 -4.59
CA PHE B 113 9.00 -0.85 -5.38
C PHE B 113 10.47 -1.15 -5.25
N THR B 114 10.84 -2.43 -5.20
CA THR B 114 12.21 -2.87 -5.44
C THR B 114 12.39 -3.67 -6.72
N VAL B 115 13.50 -3.41 -7.43
CA VAL B 115 13.89 -4.17 -8.62
C VAL B 115 15.05 -5.03 -8.16
N PHE B 116 14.88 -6.34 -8.34
CA PHE B 116 15.95 -7.34 -8.14
C PHE B 116 16.48 -7.93 -9.42
N ASP B 117 17.68 -8.46 -9.37
CA ASP B 117 18.13 -9.43 -10.34
C ASP B 117 17.53 -10.85 -10.06
N ASN B 118 18.14 -11.89 -10.62
CA ASN B 118 17.63 -13.28 -10.62
C ASN B 118 18.04 -14.11 -9.38
N GLY B 119 18.64 -13.47 -8.38
CA GLY B 119 19.27 -14.19 -7.28
C GLY B 119 18.27 -14.64 -6.28
N GLN B 120 18.74 -15.33 -5.24
CA GLN B 120 17.89 -15.85 -4.18
C GLN B 120 17.55 -14.81 -3.06
N ASN B 121 16.33 -14.92 -2.55
CA ASN B 121 15.90 -14.17 -1.38
C ASN B 121 16.57 -14.77 -0.11
N PRO B 122 17.34 -13.91 0.60
CA PRO B 122 18.07 -14.36 1.78
C PRO B 122 17.16 -14.95 2.88
N GLN B 123 15.93 -14.45 2.95
CA GLN B 123 14.93 -14.92 3.94
C GLN B 123 14.50 -16.38 3.74
N ARG B 124 14.74 -16.94 2.55
CA ARG B 124 14.32 -18.29 2.23
C ARG B 124 15.36 -19.36 2.68
N GLY B 125 16.56 -18.89 3.03
CA GLY B 125 17.55 -19.78 3.62
C GLY B 125 18.87 -19.12 3.89
N TYR B 126 19.25 -19.05 5.15
CA TYR B 126 20.49 -18.38 5.57
C TYR B 126 21.81 -19.01 5.09
N SER B 127 21.76 -20.27 4.62
CA SER B 127 22.97 -21.01 4.22
C SER B 127 23.26 -20.86 2.74
N THR B 128 22.42 -20.09 2.06
CA THR B 128 22.58 -19.79 0.66
C THR B 128 23.87 -19.02 0.44
N ASN B 129 24.61 -19.49 -0.55
CA ASN B 129 25.84 -18.90 -0.97
C ASN B 129 25.70 -17.39 -1.18
N VAL B 130 26.56 -16.58 -0.55
CA VAL B 130 26.44 -15.10 -0.65
C VAL B 130 26.40 -14.58 -2.10
N ALA B 131 27.24 -15.14 -2.96
CA ALA B 131 27.29 -14.74 -4.38
C ALA B 131 26.03 -15.00 -5.14
N SER B 132 25.15 -15.85 -4.58
CA SER B 132 23.88 -16.24 -5.23
C SER B 132 22.68 -15.44 -4.75
N LEU B 133 22.85 -14.65 -3.71
CA LEU B 133 21.81 -13.81 -3.17
C LEU B 133 21.47 -12.70 -4.16
N ARG B 134 20.21 -12.36 -4.20
CA ARG B 134 19.75 -11.29 -5.08
C ARG B 134 20.34 -9.91 -4.78
N GLN B 135 20.68 -9.18 -5.86
CA GLN B 135 21.08 -7.78 -5.80
C GLN B 135 19.86 -6.91 -5.95
N GLU B 136 19.89 -5.75 -5.31
CA GLU B 136 18.84 -4.69 -5.49
C GLU B 136 19.38 -3.72 -6.52
N LEU B 137 18.63 -3.64 -7.62
CA LEU B 137 19.05 -2.84 -8.75
C LEU B 137 18.48 -1.43 -8.79
N ALA B 138 17.35 -1.27 -8.14
CA ALA B 138 16.64 0.04 -8.05
C ALA B 138 15.57 -0.05 -7.01
N ALA B 139 15.21 1.12 -6.46
CA ALA B 139 13.97 1.26 -5.75
C ALA B 139 13.17 2.48 -6.27
N VAL B 140 11.86 2.44 -6.11
CA VAL B 140 10.99 3.51 -6.66
C VAL B 140 9.95 3.80 -5.60
N ILE B 141 9.84 5.09 -5.30
CA ILE B 141 8.99 5.56 -4.25
C ILE B 141 8.07 6.59 -4.90
N TYR B 142 6.76 6.35 -4.81
CA TYR B 142 5.76 7.33 -5.33
C TYR B 142 5.07 8.02 -4.13
N GLU B 143 5.00 9.33 -4.13
CA GLU B 143 4.34 10.07 -3.09
C GLU B 143 3.43 11.13 -3.73
N THR B 144 2.37 11.50 -3.04
CA THR B 144 1.47 12.51 -3.57
C THR B 144 2.12 13.86 -3.42
N ASN B 145 2.03 14.70 -4.47
CA ASN B 145 2.54 16.11 -4.38
C ASN B 145 1.90 17.11 -3.36
N VAL B 146 2.80 17.84 -2.69
CA VAL B 146 2.46 18.91 -1.77
C VAL B 146 2.29 20.25 -2.57
N LEU B 147 3.17 20.47 -3.56
CA LEU B 147 3.00 21.56 -4.52
C LEU B 147 2.02 21.23 -5.64
N GLY B 148 1.28 22.24 -6.09
CA GLY B 148 0.54 22.15 -7.32
C GLY B 148 1.41 22.39 -8.53
N PHE B 149 0.87 22.13 -9.71
CA PHE B 149 1.56 22.47 -10.95
C PHE B 149 2.75 21.61 -11.30
N ARG B 150 2.80 20.37 -10.74
CA ARG B 150 3.81 19.42 -11.17
C ARG B 150 3.26 18.04 -11.13
N GLY B 151 1.96 17.85 -11.39
CA GLY B 151 1.41 16.50 -11.45
C GLY B 151 0.95 15.99 -10.07
N PRO B 152 0.11 14.93 -10.09
CA PRO B 152 -0.39 14.34 -8.85
C PRO B 152 0.68 13.65 -7.98
N ARG B 153 1.71 13.08 -8.62
CA ARG B 153 2.68 12.25 -7.92
C ARG B 153 4.10 12.69 -8.16
N ARG B 154 4.91 12.64 -7.11
CA ARG B 154 6.37 12.66 -7.29
C ARG B 154 6.98 11.30 -7.21
N MET B 155 8.02 11.09 -7.97
CA MET B 155 8.73 9.85 -7.89
C MET B 155 10.21 10.00 -7.61
N THR B 156 10.70 9.13 -6.74
CA THR B 156 12.10 9.07 -6.35
C THR B 156 12.56 7.69 -6.76
N VAL B 157 13.76 7.68 -7.37
CA VAL B 157 14.43 6.47 -7.86
C VAL B 157 15.82 6.45 -7.16
N ILE B 158 16.07 5.36 -6.45
CA ILE B 158 17.34 5.08 -5.81
C ILE B 158 17.98 3.92 -6.57
N ILE B 159 19.23 4.11 -7.00
CA ILE B 159 20.00 3.05 -7.63
C ILE B 159 21.41 2.94 -7.02
N PRO B 160 22.07 1.77 -7.19
CA PRO B 160 23.38 1.68 -6.71
C PRO B 160 24.34 2.67 -7.41
N GLY B 161 25.40 3.02 -6.67
CA GLY B 161 26.46 3.90 -7.14
C GLY B 161 27.33 3.14 -8.11
N MET B 162 28.25 3.88 -8.72
CA MET B 162 29.07 3.35 -9.78
C MET B 162 30.53 3.42 -9.39
N SER B 163 31.28 2.49 -9.96
CA SER B 163 32.69 2.36 -9.65
C SER B 163 33.51 3.22 -10.62
N ALA B 164 34.80 3.24 -10.41
CA ALA B 164 35.75 3.91 -11.31
C ALA B 164 35.69 3.34 -12.76
N GLU B 165 35.31 2.05 -12.90
CA GLU B 165 35.24 1.40 -14.22
C GLU B 165 33.84 1.42 -14.81
N ASN B 166 33.02 2.36 -14.35
CA ASN B 166 31.63 2.56 -14.80
C ASN B 166 30.75 1.31 -14.72
N GLU B 167 30.90 0.54 -13.65
CA GLU B 167 30.02 -0.60 -13.38
C GLU B 167 29.36 -0.32 -12.06
N ARG B 168 28.22 -0.96 -11.79
CA ARG B 168 27.50 -0.84 -10.52
C ARG B 168 28.29 -1.42 -9.37
N VAL B 169 28.26 -0.76 -8.21
CA VAL B 169 28.82 -1.38 -7.02
C VAL B 169 27.66 -2.16 -6.42
N PRO B 170 27.71 -3.52 -6.45
CA PRO B 170 26.45 -4.20 -6.06
C PRO B 170 25.97 -3.94 -4.62
N ILE B 171 24.67 -4.00 -4.44
CA ILE B 171 23.99 -3.94 -3.14
C ILE B 171 23.31 -5.29 -3.03
N ARG B 172 23.77 -6.12 -2.11
CA ARG B 172 23.37 -7.47 -2.02
C ARG B 172 23.11 -7.77 -0.54
N PRO B 173 21.92 -7.37 -0.06
CA PRO B 173 21.59 -7.56 1.36
C PRO B 173 21.67 -9.01 1.84
N ARG B 174 22.22 -9.20 3.02
CA ARG B 174 22.22 -10.51 3.66
C ARG B 174 20.91 -10.78 4.40
N ASN B 175 20.12 -9.75 4.69
CA ASN B 175 18.82 -9.90 5.35
C ASN B 175 17.92 -8.63 5.21
N ALA B 176 16.80 -8.65 5.93
CA ALA B 176 15.76 -7.61 5.97
C ALA B 176 16.28 -6.18 6.23
N SER B 177 17.20 -6.10 7.18
CA SER B 177 17.58 -4.84 7.83
C SER B 177 18.34 -3.89 6.92
N ASP B 178 18.65 -4.32 5.71
CA ASP B 178 19.31 -3.46 4.75
C ASP B 178 18.64 -3.59 3.39
N GLY B 179 18.91 -2.63 2.52
CA GLY B 179 18.33 -2.60 1.18
C GLY B 179 18.13 -1.15 0.74
N LEU B 180 17.74 -0.96 -0.52
CA LEU B 180 17.63 0.40 -1.09
C LEU B 180 16.51 1.20 -0.45
N LEU B 181 15.36 0.57 -0.24
CA LEU B 181 14.22 1.30 0.38
C LEU B 181 14.47 1.63 1.85
N VAL B 182 15.13 0.70 2.56
CA VAL B 182 15.56 0.92 3.95
C VAL B 182 16.55 2.05 4.06
N ARG B 183 17.55 2.07 3.19
CA ARG B 183 18.49 3.18 3.15
C ARG B 183 17.80 4.52 2.83
N TRP B 184 16.82 4.50 1.93
CA TRP B 184 15.97 5.68 1.65
C TRP B 184 15.19 6.13 2.88
N GLN B 185 14.51 5.20 3.54
CA GLN B 185 13.78 5.51 4.77
C GLN B 185 14.67 6.07 5.92
N ASN B 186 15.85 5.47 6.15
CA ASN B 186 16.79 5.97 7.19
C ASN B 186 17.66 7.13 6.73
N LYS B 187 17.35 7.62 5.53
CA LYS B 187 18.11 8.64 4.87
C LYS B 187 19.62 8.42 4.92
N THR B 188 20.03 7.20 4.61
CA THR B 188 21.45 6.81 4.54
C THR B 188 21.79 6.41 3.11
N LEU B 189 21.84 7.43 2.26
CA LEU B 189 22.01 7.25 0.82
C LEU B 189 23.47 7.44 0.37
N GLU B 190 24.36 7.31 1.35
CA GLU B 190 25.74 7.65 1.24
C GLU B 190 26.39 7.41 -0.14
N SER B 191 26.51 6.15 -0.53
CA SER B 191 27.17 5.82 -1.81
C SER B 191 26.17 5.33 -2.89
N LEU B 192 24.95 5.82 -2.83
CA LEU B 192 23.87 5.43 -3.73
C LEU B 192 23.66 6.59 -4.64
N ILE B 193 22.85 6.44 -5.69
CA ILE B 193 22.49 7.60 -6.53
C ILE B 193 20.98 7.84 -6.34
N GLU B 194 20.59 9.09 -6.05
CA GLU B 194 19.18 9.46 -5.94
C GLU B 194 18.74 10.33 -7.13
N LEU B 195 17.61 9.99 -7.70
CA LEU B 195 16.97 10.64 -8.86
C LEU B 195 15.51 10.88 -8.63
N HIS B 196 14.98 11.89 -9.33
CA HIS B 196 13.58 12.32 -9.20
C HIS B 196 12.95 12.61 -10.53
N ASN B 197 11.63 12.58 -10.58
CA ASN B 197 10.95 13.12 -11.77
C ASN B 197 11.15 14.66 -11.89
N LYS B 198 11.36 15.12 -13.11
CA LYS B 198 11.55 16.51 -13.41
C LYS B 198 10.18 17.12 -13.45
N PRO B 199 9.94 18.16 -12.62
CA PRO B 199 8.70 18.83 -12.80
C PRO B 199 8.67 19.74 -14.07
N PRO B 200 7.50 19.87 -14.68
CA PRO B 200 7.38 20.63 -15.92
C PRO B 200 7.58 22.13 -15.60
N VAL B 201 7.94 22.91 -16.60
CA VAL B 201 8.34 24.31 -16.43
C VAL B 201 7.31 25.17 -17.14
N TRP B 202 6.96 26.29 -16.51
CA TRP B 202 6.06 27.25 -17.14
C TRP B 202 6.72 27.75 -18.43
N ASN B 203 6.02 27.58 -19.54
CA ASN B 203 6.49 27.99 -20.85
C ASN B 203 6.26 29.50 -20.91
N ASP B 204 7.27 30.21 -21.42
CA ASP B 204 7.45 31.64 -21.14
C ASP B 204 6.35 32.55 -21.71
N ASP B 205 6.00 32.32 -22.97
CA ASP B 205 4.94 33.11 -23.65
C ASP B 205 3.68 32.28 -23.93
N SER B 206 3.90 30.99 -24.24
CA SER B 206 2.83 30.02 -24.46
C SER B 206 2.47 29.28 -23.14
N GLY B 207 1.19 29.29 -22.77
CA GLY B 207 0.76 29.18 -21.37
C GLY B 207 0.59 27.77 -20.84
N SER B 208 1.71 27.09 -20.67
CA SER B 208 1.72 25.68 -20.42
C SER B 208 2.80 25.37 -19.39
N TYR B 209 2.61 24.37 -18.53
CA TYR B 209 3.74 23.73 -17.81
C TYR B 209 4.14 22.57 -18.66
N THR B 210 5.29 22.68 -19.29
CA THR B 210 5.74 21.68 -20.24
C THR B 210 7.15 21.14 -20.00
N LEU B 211 7.39 20.00 -20.65
CA LEU B 211 8.71 19.41 -20.85
C LEU B 211 8.89 19.07 -22.33
N ASN B 212 10.13 19.20 -22.80
CA ASN B 212 10.42 18.82 -24.14
C ASN B 212 10.80 17.34 -24.17
N PHE B 213 9.92 16.52 -24.74
CA PHE B 213 10.15 15.08 -24.90
C PHE B 213 10.88 14.76 -26.23
N GLN B 214 11.31 15.77 -27.00
CA GLN B 214 12.12 15.60 -28.25
C GLN B 214 11.48 14.62 -29.31
N GLY B 215 10.16 14.76 -29.47
CA GLY B 215 9.37 13.91 -30.34
C GLY B 215 8.89 12.54 -29.92
N ARG B 216 9.19 12.16 -28.68
CA ARG B 216 9.04 10.78 -28.22
C ARG B 216 7.69 10.52 -27.52
N VAL B 217 6.88 11.59 -27.47
CA VAL B 217 5.49 11.50 -27.04
C VAL B 217 4.60 11.85 -28.22
N THR B 218 3.54 11.06 -28.41
CA THR B 218 2.48 11.32 -29.37
C THR B 218 1.16 11.64 -28.65
N GLN B 219 0.96 11.10 -27.45
CA GLN B 219 -0.24 11.40 -26.65
C GLN B 219 0.12 12.02 -25.30
N ALA B 220 -0.60 13.07 -24.91
CA ALA B 220 -0.45 13.62 -23.54
C ALA B 220 -0.87 12.55 -22.54
N SER B 221 -0.19 12.50 -21.39
CA SER B 221 -0.53 11.47 -20.42
C SER B 221 0.11 11.85 -19.11
N VAL B 222 -0.64 11.69 -18.04
CA VAL B 222 -0.13 11.95 -16.68
C VAL B 222 1.08 11.07 -16.31
N LYS B 223 1.24 9.97 -17.05
CA LYS B 223 2.33 9.03 -16.83
C LYS B 223 3.58 9.23 -17.70
N ASN B 224 3.57 10.24 -18.59
CA ASN B 224 4.80 10.65 -19.24
C ASN B 224 5.74 11.22 -18.17
N PHE B 225 7.01 10.91 -18.24
CA PHE B 225 7.97 11.43 -17.26
C PHE B 225 9.40 11.47 -17.76
N GLN B 226 10.16 12.37 -17.13
CA GLN B 226 11.61 12.49 -17.23
C GLN B 226 12.18 12.34 -15.79
N ILE B 227 13.17 11.48 -15.67
CA ILE B 227 13.88 11.29 -14.39
C ILE B 227 15.30 11.89 -14.53
N VAL B 228 15.68 12.71 -13.56
CA VAL B 228 16.93 13.47 -13.58
C VAL B 228 17.59 13.42 -12.25
N HIS B 229 18.88 13.77 -12.20
CA HIS B 229 19.56 14.04 -10.93
C HIS B 229 19.33 15.51 -10.61
N ALA B 230 19.09 15.80 -9.35
CA ALA B 230 18.82 17.17 -8.95
C ALA B 230 19.87 18.21 -9.39
N ASP B 231 21.11 17.74 -9.54
CA ASP B 231 22.28 18.63 -9.85
C ASP B 231 22.39 19.01 -11.35
N ASP B 232 21.66 18.29 -12.22
CA ASP B 232 21.59 18.58 -13.66
C ASP B 232 20.21 18.28 -14.26
N PRO B 233 19.29 19.27 -14.22
CA PRO B 233 17.93 19.11 -14.79
C PRO B 233 17.87 18.79 -16.31
N ASP B 234 19.01 18.92 -17.01
CA ASP B 234 19.05 18.81 -18.47
C ASP B 234 19.57 17.48 -18.94
N TYR B 235 20.05 16.63 -18.05
CA TYR B 235 20.53 15.32 -18.45
C TYR B 235 19.39 14.34 -18.11
N ILE B 236 18.74 13.83 -19.14
CA ILE B 236 17.54 13.01 -18.90
C ILE B 236 17.98 11.54 -18.79
N VAL B 237 17.96 11.01 -17.58
CA VAL B 237 18.50 9.69 -17.31
C VAL B 237 17.48 8.65 -17.82
N LEU B 238 16.22 8.97 -17.63
CA LEU B 238 15.13 8.08 -18.12
C LEU B 238 13.96 8.90 -18.53
N GLN B 239 13.43 8.59 -19.70
CA GLN B 239 12.25 9.22 -20.27
C GLN B 239 11.23 8.14 -20.69
N PHE B 240 9.96 8.36 -20.34
CA PHE B 240 8.85 7.46 -20.67
C PHE B 240 7.72 8.29 -21.21
N GLY B 241 7.30 7.93 -22.43
CA GLY B 241 6.38 8.70 -23.20
C GLY B 241 5.33 7.87 -23.85
N ARG B 242 4.09 8.33 -23.86
CA ARG B 242 3.05 7.58 -24.55
C ARG B 242 2.99 7.86 -26.05
N VAL B 243 2.91 6.81 -26.85
CA VAL B 243 2.75 7.03 -28.25
C VAL B 243 1.49 6.44 -28.85
N ALA B 244 0.86 5.50 -28.16
CA ALA B 244 -0.45 5.00 -28.60
C ALA B 244 -1.16 4.36 -27.43
N GLU B 245 -2.32 3.74 -27.67
CA GLU B 245 -3.02 3.11 -26.55
C GLU B 245 -2.15 2.07 -25.85
N ASP B 246 -1.43 1.25 -26.61
CA ASP B 246 -0.59 0.24 -25.96
C ASP B 246 0.90 0.29 -26.33
N ALA B 247 1.38 1.49 -26.68
CA ALA B 247 2.81 1.68 -27.01
C ALA B 247 3.32 2.98 -26.39
N PHE B 248 4.57 2.89 -25.92
CA PHE B 248 5.28 3.93 -25.22
C PHE B 248 6.72 3.92 -25.72
N THR B 249 7.32 5.08 -25.72
CA THR B 249 8.78 5.20 -25.76
C THR B 249 9.45 5.08 -24.38
N LEU B 250 10.62 4.44 -24.35
CA LEU B 250 11.42 4.31 -23.16
C LEU B 250 12.87 4.49 -23.55
N ASP B 251 13.46 5.61 -23.16
CA ASP B 251 14.78 6.04 -23.59
C ASP B 251 15.64 6.23 -22.34
N TYR B 252 16.79 5.55 -22.31
CA TYR B 252 17.66 5.58 -21.15
C TYR B 252 19.10 5.98 -21.46
N ARG B 253 19.74 6.59 -20.46
CA ARG B 253 21.14 6.95 -20.46
C ARG B 253 21.89 6.40 -19.24
N TYR B 254 23.21 6.44 -19.35
CA TYR B 254 24.10 6.15 -18.21
C TYR B 254 23.64 6.94 -17.00
N PRO B 255 23.65 6.29 -15.83
CA PRO B 255 24.17 4.93 -15.52
C PRO B 255 23.22 3.75 -15.66
N LEU B 256 22.01 3.97 -16.14
CA LEU B 256 21.01 2.90 -16.19
C LEU B 256 21.31 1.87 -17.24
N CYS B 257 20.91 0.64 -16.94
CA CYS B 257 20.80 -0.42 -17.95
C CYS B 257 19.34 -0.67 -18.34
N ALA B 258 19.09 -1.52 -19.33
CA ALA B 258 17.67 -1.76 -19.77
C ALA B 258 16.78 -2.40 -18.69
N LEU B 259 17.33 -3.30 -17.91
CA LEU B 259 16.57 -3.98 -16.86
C LEU B 259 16.09 -2.91 -15.89
N GLN B 260 16.99 -2.03 -15.40
CA GLN B 260 16.54 -1.02 -14.49
C GLN B 260 15.48 -0.11 -15.18
N ALA B 261 15.73 0.36 -16.42
CA ALA B 261 14.81 1.27 -17.16
C ALA B 261 13.41 0.66 -17.29
N PHE B 262 13.36 -0.59 -17.74
CA PHE B 262 12.14 -1.37 -17.91
C PHE B 262 11.36 -1.55 -16.63
N ALA B 263 12.05 -1.94 -15.56
CA ALA B 263 11.39 -2.17 -14.31
C ALA B 263 10.83 -0.85 -13.72
N ILE B 264 11.60 0.21 -13.82
CA ILE B 264 11.07 1.53 -13.38
C ILE B 264 9.79 1.95 -14.17
N ALA B 265 9.79 1.78 -15.49
CA ALA B 265 8.58 2.03 -16.31
C ALA B 265 7.42 1.15 -15.91
N LEU B 266 7.68 -0.14 -15.64
CA LEU B 266 6.62 -1.03 -15.22
C LEU B 266 5.99 -0.57 -13.92
N SER B 267 6.78 0.00 -13.00
CA SER B 267 6.21 0.40 -11.70
C SER B 267 5.20 1.55 -11.84
N SER B 268 5.19 2.20 -13.00
CA SER B 268 4.29 3.35 -13.22
C SER B 268 2.88 2.97 -13.62
N PHE B 269 2.68 1.75 -14.13
CA PHE B 269 1.36 1.23 -14.49
C PHE B 269 0.48 0.92 -13.24
N ASP B 270 -0.84 1.01 -13.35
CA ASP B 270 -1.66 0.74 -12.16
C ASP B 270 -1.85 -0.77 -11.97
#